data_6I7L
#
_entry.id   6I7L
#
_cell.length_a   186.358
_cell.length_b   186.358
_cell.length_c   77.100
_cell.angle_alpha   90.00
_cell.angle_beta   90.00
_cell.angle_gamma   120.00
#
_symmetry.space_group_name_H-M   'P 64 2 2'
#
loop_
_entity.id
_entity.type
_entity.pdbx_description
1 polymer 'Adenosine monophosphate-protein transferase FICD'
2 non-polymer 'PHOSPHOAMINOPHOSPHONIC ACID-ADENYLATE ESTER'
3 non-polymer 'MAGNESIUM ION'
4 water water
#
_entity_poly.entity_id   1
_entity_poly.type   'polypeptide(L)'
_entity_poly.pdbx_seq_one_letter_code
;SLEARAALNQALEMKRQGKREKAQKLFMHALKMDPDFVDALTEFGIFSEEDKDIIQADYLYTRALTISPYHEKALVNRDR
TLPLVEEIDQRYFSIIDSKVKKVMSIPKGNSALRRVMEETYYHHIYHTVAIEGNTLTLSEIRHILETRYAVPGKSDEEQN
EVIGMHAAMKYINTTLVSRIGSVTISDVLEIHRRVLGYVDPVEAGRFRTTQVLVGHHIPPHPQDVEKQMQEFVQWLNSEE
AMNLHPVEFAALAHYKLVYIHPFIDGNGRTSRLLMNLILMQAGYPPITIRKEQRSDYYHVLEAANEGDVRPFIRFIAKCT
ETTLDTLLFATTEYSVALPEAQP
;
_entity_poly.pdbx_strand_id   A
#
loop_
_chem_comp.id
_chem_comp.type
_chem_comp.name
_chem_comp.formula
ANP non-polymer 'PHOSPHOAMINOPHOSPHONIC ACID-ADENYLATE ESTER' 'C10 H17 N6 O12 P3'
MG non-polymer 'MAGNESIUM ION' 'Mg 2'
#
# COMPACT_ATOMS: atom_id res chain seq x y z
N SER A 1 -33.53 -11.79 11.50
CA SER A 1 -34.22 -11.81 12.82
C SER A 1 -33.97 -10.49 13.56
N LEU A 2 -35.02 -9.74 13.87
CA LEU A 2 -34.94 -8.44 14.60
C LEU A 2 -34.48 -8.70 16.03
N GLU A 3 -34.93 -9.82 16.64
CA GLU A 3 -34.54 -10.22 18.01
C GLU A 3 -33.05 -10.59 18.05
N ALA A 4 -32.54 -11.27 17.02
CA ALA A 4 -31.12 -11.67 16.92
C ALA A 4 -30.22 -10.43 16.90
N ARG A 5 -30.55 -9.45 16.05
N ARG A 5 -30.55 -9.44 16.06
CA ARG A 5 -29.83 -8.15 15.94
CA ARG A 5 -29.81 -8.16 15.95
C ARG A 5 -29.80 -7.47 17.31
C ARG A 5 -29.79 -7.47 17.33
N ALA A 6 -30.93 -7.45 18.01
CA ALA A 6 -31.10 -6.80 19.34
C ALA A 6 -30.28 -7.56 20.39
N ALA A 7 -30.35 -8.90 20.40
CA ALA A 7 -29.59 -9.78 21.31
C ALA A 7 -28.08 -9.53 21.15
N LEU A 8 -27.60 -9.41 19.90
CA LEU A 8 -26.15 -9.21 19.61
C LEU A 8 -25.71 -7.83 20.11
N ASN A 9 -26.43 -6.77 19.72
CA ASN A 9 -26.15 -5.37 20.15
C ASN A 9 -26.05 -5.33 21.68
N GLN A 10 -26.99 -5.97 22.37
CA GLN A 10 -27.07 -5.96 23.85
C GLN A 10 -25.93 -6.82 24.43
N ALA A 11 -25.52 -7.88 23.74
CA ALA A 11 -24.40 -8.77 24.14
C ALA A 11 -23.09 -7.98 24.12
N LEU A 12 -22.87 -7.18 23.07
CA LEU A 12 -21.67 -6.32 22.91
C LEU A 12 -21.67 -5.21 23.96
N GLU A 13 -22.85 -4.71 24.35
CA GLU A 13 -23.02 -3.67 25.39
C GLU A 13 -22.63 -4.26 26.75
N MET A 14 -23.06 -5.50 27.04
CA MET A 14 -22.80 -6.19 28.33
C MET A 14 -21.32 -6.59 28.42
N LYS A 15 -20.70 -6.92 27.29
CA LYS A 15 -19.26 -7.28 27.20
C LYS A 15 -18.42 -6.03 27.50
N ARG A 16 -18.83 -4.88 26.96
CA ARG A 16 -18.18 -3.56 27.15
C ARG A 16 -18.25 -3.16 28.63
N GLN A 17 -19.38 -3.44 29.29
CA GLN A 17 -19.64 -3.12 30.73
C GLN A 17 -19.03 -4.21 31.63
N GLY A 18 -18.39 -5.23 31.05
CA GLY A 18 -17.62 -6.25 31.79
C GLY A 18 -18.47 -7.37 32.37
N LYS A 19 -19.78 -7.37 32.09
N LYS A 19 -19.80 -7.35 32.17
CA LYS A 19 -20.75 -8.40 32.55
CA LYS A 19 -20.68 -8.45 32.64
C LYS A 19 -20.80 -9.53 31.51
C LYS A 19 -20.77 -9.50 31.52
N ARG A 20 -19.88 -10.49 31.60
CA ARG A 20 -19.64 -11.50 30.53
C ARG A 20 -20.64 -12.66 30.63
N GLU A 21 -21.21 -12.95 31.81
CA GLU A 21 -22.21 -14.04 31.97
C GLU A 21 -23.50 -13.64 31.23
N LYS A 22 -23.87 -12.35 31.31
CA LYS A 22 -25.06 -11.79 30.62
C LYS A 22 -24.76 -11.65 29.12
N ALA A 23 -23.53 -11.33 28.76
CA ALA A 23 -23.05 -11.27 27.36
C ALA A 23 -23.19 -12.66 26.71
N GLN A 24 -22.75 -13.70 27.41
CA GLN A 24 -22.78 -15.10 26.89
C GLN A 24 -24.22 -15.52 26.59
N LYS A 25 -25.14 -15.30 27.54
CA LYS A 25 -26.57 -15.69 27.41
C LYS A 25 -27.23 -14.96 26.23
N LEU A 26 -26.81 -13.73 25.94
CA LEU A 26 -27.34 -12.92 24.82
C LEU A 26 -26.75 -13.41 23.49
N PHE A 27 -25.48 -13.83 23.48
CA PHE A 27 -24.81 -14.42 22.29
C PHE A 27 -25.55 -15.72 21.93
N MET A 28 -25.85 -16.55 22.92
CA MET A 28 -26.56 -17.85 22.75
C MET A 28 -27.98 -17.57 22.23
N HIS A 29 -28.61 -16.51 22.73
CA HIS A 29 -29.99 -16.10 22.36
C HIS A 29 -30.01 -15.60 20.91
N ALA A 30 -29.00 -14.86 20.49
CA ALA A 30 -28.84 -14.33 19.11
C ALA A 30 -28.81 -15.51 18.11
N LEU A 31 -28.05 -16.55 18.44
CA LEU A 31 -27.83 -17.73 17.58
C LEU A 31 -29.05 -18.67 17.64
N LYS A 32 -29.82 -18.62 18.72
CA LYS A 32 -31.10 -19.37 18.84
C LYS A 32 -32.14 -18.76 17.89
N MET A 33 -32.14 -17.43 17.76
CA MET A 33 -33.13 -16.67 16.94
C MET A 33 -32.68 -16.66 15.48
N ASP A 34 -31.36 -16.64 15.21
CA ASP A 34 -30.79 -16.76 13.83
C ASP A 34 -29.50 -17.56 13.89
N PRO A 35 -29.58 -18.90 13.71
CA PRO A 35 -28.40 -19.76 13.73
C PRO A 35 -27.32 -19.45 12.68
N ASP A 36 -27.65 -18.67 11.65
CA ASP A 36 -26.72 -18.32 10.54
C ASP A 36 -26.31 -16.84 10.65
N PHE A 37 -26.48 -16.22 11.82
CA PHE A 37 -26.13 -14.80 12.03
C PHE A 37 -24.59 -14.67 12.09
N VAL A 38 -23.97 -14.34 10.95
CA VAL A 38 -22.50 -14.27 10.77
C VAL A 38 -21.90 -13.36 11.84
N ASP A 39 -22.49 -12.17 12.03
CA ASP A 39 -21.99 -11.11 12.94
C ASP A 39 -21.91 -11.66 14.37
N ALA A 40 -22.94 -12.38 14.80
CA ALA A 40 -23.08 -12.94 16.17
C ALA A 40 -22.14 -14.15 16.33
N LEU A 41 -21.96 -14.95 15.28
CA LEU A 41 -21.03 -16.12 15.30
C LEU A 41 -19.60 -15.62 15.49
N THR A 42 -19.20 -14.58 14.75
CA THR A 42 -17.83 -14.00 14.76
C THR A 42 -17.58 -13.34 16.12
N GLU A 43 -18.51 -12.50 16.60
CA GLU A 43 -18.38 -11.77 17.89
C GLU A 43 -18.32 -12.78 19.04
N PHE A 44 -19.17 -13.80 19.01
CA PHE A 44 -19.22 -14.87 20.05
C PHE A 44 -17.92 -15.69 19.99
N GLY A 45 -17.34 -15.82 18.79
CA GLY A 45 -16.00 -16.40 18.58
C GLY A 45 -14.91 -15.60 19.26
N ILE A 46 -14.89 -14.28 19.02
CA ILE A 46 -13.93 -13.32 19.65
C ILE A 46 -14.07 -13.42 21.18
N PHE A 47 -15.29 -13.43 21.69
CA PHE A 47 -15.62 -13.54 23.14
C PHE A 47 -15.07 -14.86 23.70
N SER A 48 -15.22 -15.95 22.94
CA SER A 48 -14.79 -17.31 23.33
C SER A 48 -13.25 -17.36 23.42
N GLU A 49 -12.57 -16.76 22.44
CA GLU A 49 -11.09 -16.75 22.34
C GLU A 49 -10.49 -15.98 23.53
N GLU A 50 -11.11 -14.86 23.94
CA GLU A 50 -10.71 -14.05 25.10
C GLU A 50 -10.67 -14.94 26.36
N ASP A 51 -11.62 -15.88 26.49
CA ASP A 51 -11.74 -16.81 27.64
C ASP A 51 -10.80 -18.01 27.45
N LYS A 52 -10.03 -18.04 26.36
CA LYS A 52 -9.08 -19.13 26.01
C LYS A 52 -9.85 -20.42 25.72
N ASP A 53 -11.10 -20.32 25.24
CA ASP A 53 -11.92 -21.45 24.72
C ASP A 53 -11.68 -21.53 23.21
N ILE A 54 -10.56 -22.14 22.81
CA ILE A 54 -10.00 -22.09 21.43
C ILE A 54 -10.85 -22.96 20.49
N ILE A 55 -11.30 -24.12 20.97
CA ILE A 55 -12.11 -25.10 20.18
C ILE A 55 -13.46 -24.45 19.85
N GLN A 56 -14.15 -23.92 20.86
CA GLN A 56 -15.45 -23.20 20.71
C GLN A 56 -15.28 -22.02 19.74
N ALA A 57 -14.22 -21.24 19.92
CA ALA A 57 -13.92 -20.03 19.11
C ALA A 57 -13.74 -20.44 17.65
N ASP A 58 -12.96 -21.49 17.41
CA ASP A 58 -12.67 -22.04 16.06
C ASP A 58 -13.98 -22.57 15.44
N TYR A 59 -14.81 -23.23 16.24
CA TYR A 59 -16.13 -23.78 15.80
C TYR A 59 -16.99 -22.63 15.27
N LEU A 60 -17.09 -21.54 16.04
CA LEU A 60 -17.96 -20.38 15.72
C LEU A 60 -17.41 -19.64 14.50
N TYR A 61 -16.09 -19.43 14.42
CA TYR A 61 -15.43 -18.78 13.25
C TYR A 61 -15.71 -19.60 12.00
N THR A 62 -15.51 -20.92 12.08
CA THR A 62 -15.62 -21.86 10.93
C THR A 62 -17.09 -21.94 10.48
N ARG A 63 -18.02 -21.97 11.43
CA ARG A 63 -19.49 -21.90 11.20
C ARG A 63 -19.85 -20.63 10.43
N ALA A 64 -19.32 -19.47 10.85
CA ALA A 64 -19.55 -18.16 10.21
C ALA A 64 -19.05 -18.17 8.75
N LEU A 65 -17.99 -18.92 8.48
CA LEU A 65 -17.31 -18.94 7.15
C LEU A 65 -17.99 -19.93 6.19
N THR A 66 -18.87 -20.82 6.68
CA THR A 66 -19.41 -21.98 5.91
C THR A 66 -20.94 -22.07 6.05
N ILE A 67 -21.66 -20.97 5.85
CA ILE A 67 -23.14 -20.89 6.06
C ILE A 67 -23.83 -21.83 5.06
N SER A 68 -23.48 -21.73 3.77
CA SER A 68 -24.10 -22.48 2.65
C SER A 68 -23.11 -23.46 2.03
N PRO A 69 -23.59 -24.52 1.34
CA PRO A 69 -22.72 -25.52 0.71
C PRO A 69 -21.60 -24.99 -0.18
N TYR A 70 -21.80 -23.87 -0.88
CA TYR A 70 -20.78 -23.25 -1.75
C TYR A 70 -19.66 -22.65 -0.90
N HIS A 71 -19.97 -22.13 0.30
CA HIS A 71 -18.96 -21.66 1.29
C HIS A 71 -18.13 -22.85 1.78
N GLU A 72 -18.78 -23.97 2.12
CA GLU A 72 -18.12 -25.23 2.56
C GLU A 72 -17.04 -25.61 1.54
N LYS A 73 -17.40 -25.67 0.25
CA LYS A 73 -16.52 -26.04 -0.88
C LYS A 73 -15.39 -25.01 -1.02
N ALA A 74 -15.73 -23.72 -0.91
CA ALA A 74 -14.78 -22.60 -1.00
C ALA A 74 -13.70 -22.74 0.08
N LEU A 75 -14.07 -23.12 1.31
CA LEU A 75 -13.11 -23.25 2.44
C LEU A 75 -12.21 -24.47 2.20
N VAL A 76 -12.79 -25.60 1.82
CA VAL A 76 -12.04 -26.87 1.52
C VAL A 76 -11.02 -26.58 0.43
N ASN A 77 -11.45 -25.92 -0.65
CA ASN A 77 -10.62 -25.69 -1.86
C ASN A 77 -9.54 -24.64 -1.55
N ARG A 78 -9.88 -23.61 -0.77
CA ARG A 78 -8.97 -22.51 -0.38
C ARG A 78 -7.85 -23.07 0.51
N ASP A 79 -8.18 -23.94 1.45
CA ASP A 79 -7.21 -24.60 2.36
C ASP A 79 -6.21 -25.43 1.54
N ARG A 80 -6.61 -25.91 0.36
CA ARG A 80 -5.74 -26.67 -0.57
C ARG A 80 -4.84 -25.69 -1.34
N THR A 81 -5.42 -24.62 -1.90
CA THR A 81 -4.72 -23.64 -2.77
C THR A 81 -3.73 -22.78 -1.97
N LEU A 82 -4.06 -22.45 -0.71
CA LEU A 82 -3.30 -21.45 0.10
C LEU A 82 -1.82 -21.85 0.18
N PRO A 83 -1.47 -23.05 0.72
CA PRO A 83 -0.07 -23.45 0.81
C PRO A 83 0.65 -23.38 -0.55
N LEU A 84 -0.02 -23.78 -1.63
CA LEU A 84 0.54 -23.75 -3.01
C LEU A 84 0.82 -22.29 -3.40
N VAL A 85 -0.05 -21.36 -2.99
CA VAL A 85 0.07 -19.91 -3.30
C VAL A 85 1.18 -19.31 -2.41
N GLU A 86 1.19 -19.64 -1.12
CA GLU A 86 2.25 -19.20 -0.18
C GLU A 86 3.63 -19.56 -0.76
N GLU A 87 3.75 -20.77 -1.32
CA GLU A 87 5.03 -21.32 -1.84
C GLU A 87 5.38 -20.59 -3.14
N ILE A 88 4.41 -20.37 -4.05
CA ILE A 88 4.62 -19.64 -5.33
C ILE A 88 5.10 -18.22 -5.02
N ASP A 89 4.42 -17.53 -4.09
CA ASP A 89 4.69 -16.12 -3.72
C ASP A 89 6.07 -16.01 -3.06
N GLN A 90 6.37 -16.91 -2.10
CA GLN A 90 7.66 -16.93 -1.35
C GLN A 90 8.83 -17.17 -2.33
N ARG A 91 8.65 -18.10 -3.27
CA ARG A 91 9.63 -18.37 -4.36
C ARG A 91 9.96 -17.04 -5.04
N TYR A 92 8.95 -16.27 -5.43
CA TYR A 92 9.11 -15.02 -6.21
C TYR A 92 9.89 -13.99 -5.41
N PHE A 93 9.66 -13.91 -4.09
CA PHE A 93 10.40 -12.99 -3.18
C PHE A 93 11.87 -13.40 -3.12
N SER A 94 12.17 -14.71 -3.12
CA SER A 94 13.56 -15.23 -3.06
C SER A 94 14.29 -14.95 -4.37
N ILE A 95 13.61 -15.04 -5.52
CA ILE A 95 14.16 -14.65 -6.85
C ILE A 95 14.54 -13.16 -6.81
N ILE A 96 13.68 -12.32 -6.23
CA ILE A 96 13.93 -10.84 -6.09
C ILE A 96 15.10 -10.63 -5.13
N ASP A 97 15.13 -11.32 -4.00
CA ASP A 97 16.23 -11.25 -3.00
C ASP A 97 17.56 -11.53 -3.71
N SER A 98 17.62 -12.53 -4.58
CA SER A 98 18.85 -12.95 -5.31
C SER A 98 19.34 -11.83 -6.23
N LYS A 99 18.43 -11.19 -6.97
CA LYS A 99 18.78 -10.14 -7.96
C LYS A 99 19.15 -8.84 -7.24
N VAL A 100 18.57 -8.58 -6.06
CA VAL A 100 18.91 -7.39 -5.23
C VAL A 100 20.38 -7.52 -4.80
N LYS A 101 20.78 -8.70 -4.31
CA LYS A 101 22.15 -8.99 -3.80
C LYS A 101 23.17 -8.84 -4.94
N LYS A 102 22.80 -9.20 -6.18
CA LYS A 102 23.65 -9.07 -7.39
C LYS A 102 23.85 -7.58 -7.72
N VAL A 103 22.80 -6.76 -7.64
CA VAL A 103 22.87 -5.30 -7.94
C VAL A 103 23.68 -4.61 -6.85
N MET A 104 23.43 -4.95 -5.58
N MET A 104 23.45 -4.96 -5.58
CA MET A 104 24.10 -4.37 -4.38
CA MET A 104 24.12 -4.33 -4.41
C MET A 104 25.60 -4.70 -4.40
C MET A 104 25.60 -4.72 -4.35
N SER A 105 25.97 -5.90 -4.85
CA SER A 105 27.37 -6.41 -4.88
C SER A 105 28.22 -5.56 -5.85
N ILE A 106 27.64 -5.17 -7.01
CA ILE A 106 28.30 -4.30 -8.03
C ILE A 106 28.92 -3.09 -7.30
N PRO A 107 30.23 -2.80 -7.50
CA PRO A 107 30.86 -1.63 -6.86
C PRO A 107 30.28 -0.29 -7.34
N LYS A 108 30.01 0.63 -6.41
CA LYS A 108 29.27 1.90 -6.63
C LYS A 108 29.94 2.73 -7.75
N GLY A 109 31.27 2.73 -7.81
CA GLY A 109 32.07 3.54 -8.76
C GLY A 109 31.97 3.04 -10.19
N ASN A 110 31.54 1.79 -10.39
CA ASN A 110 31.42 1.12 -11.71
C ASN A 110 30.84 2.08 -12.74
N SER A 111 31.44 2.16 -13.93
CA SER A 111 31.08 3.06 -15.06
C SER A 111 29.70 2.70 -15.61
N ALA A 112 29.43 1.41 -15.77
CA ALA A 112 28.18 0.84 -16.35
C ALA A 112 26.99 1.18 -15.46
N LEU A 113 27.08 0.89 -14.15
CA LEU A 113 26.01 1.12 -13.16
C LEU A 113 25.64 2.60 -13.14
N ARG A 114 26.63 3.48 -13.00
CA ARG A 114 26.45 4.95 -12.84
C ARG A 114 25.76 5.53 -14.07
N ARG A 115 26.14 5.12 -15.28
CA ARG A 115 25.46 5.55 -16.54
C ARG A 115 23.98 5.16 -16.47
N VAL A 116 23.70 3.93 -16.01
CA VAL A 116 22.35 3.30 -16.02
C VAL A 116 21.48 3.94 -14.91
N MET A 117 22.05 4.17 -13.73
CA MET A 117 21.35 4.83 -12.59
C MET A 117 20.84 6.21 -13.03
N GLU A 118 21.63 6.95 -13.82
CA GLU A 118 21.27 8.29 -14.34
C GLU A 118 20.13 8.16 -15.36
N GLU A 119 20.26 7.26 -16.34
CA GLU A 119 19.29 7.08 -17.45
C GLU A 119 17.91 6.70 -16.87
N THR A 120 17.88 5.75 -15.93
CA THR A 120 16.64 5.20 -15.32
C THR A 120 15.97 6.26 -14.43
N TYR A 121 16.76 7.14 -13.80
CA TYR A 121 16.25 8.25 -12.95
C TYR A 121 15.25 9.09 -13.74
N TYR A 122 15.58 9.46 -14.98
CA TYR A 122 14.72 10.25 -15.89
C TYR A 122 13.56 9.38 -16.40
N HIS A 123 13.84 8.11 -16.72
CA HIS A 123 12.83 7.07 -17.07
C HIS A 123 11.76 7.00 -15.98
N HIS A 124 12.18 6.96 -14.72
CA HIS A 124 11.30 6.81 -13.53
C HIS A 124 10.37 8.02 -13.40
N ILE A 125 10.90 9.24 -13.53
CA ILE A 125 10.09 10.50 -13.48
C ILE A 125 9.07 10.46 -14.62
N TYR A 126 9.48 10.04 -15.82
CA TYR A 126 8.62 9.95 -17.03
C TYR A 126 7.39 9.09 -16.70
N HIS A 127 7.60 7.90 -16.14
CA HIS A 127 6.52 6.91 -15.88
C HIS A 127 5.59 7.40 -14.77
N THR A 128 6.14 8.02 -13.71
CA THR A 128 5.38 8.44 -12.50
C THR A 128 4.44 9.60 -12.85
N VAL A 129 4.71 10.39 -13.89
CA VAL A 129 3.85 11.52 -14.35
C VAL A 129 3.03 11.08 -15.57
N ALA A 130 3.61 10.30 -16.49
CA ALA A 130 2.94 9.85 -17.74
C ALA A 130 1.73 8.97 -17.40
N ILE A 131 1.78 8.26 -16.27
CA ILE A 131 0.72 7.31 -15.84
C ILE A 131 -0.57 8.07 -15.45
N GLU A 132 -0.47 9.39 -15.20
CA GLU A 132 -1.64 10.25 -14.81
C GLU A 132 -1.99 11.24 -15.93
N GLY A 133 -1.39 11.11 -17.12
CA GLY A 133 -1.81 11.83 -18.33
C GLY A 133 -0.79 12.85 -18.81
N ASN A 134 0.33 13.02 -18.09
CA ASN A 134 1.43 13.94 -18.48
C ASN A 134 2.00 13.50 -19.84
N THR A 135 1.97 14.40 -20.84
CA THR A 135 2.26 14.11 -22.26
C THR A 135 3.71 14.44 -22.61
N LEU A 136 4.57 14.72 -21.62
CA LEU A 136 5.99 15.05 -21.85
C LEU A 136 6.75 13.79 -22.27
N THR A 137 7.67 13.93 -23.24
CA THR A 137 8.58 12.84 -23.68
C THR A 137 9.74 12.73 -22.70
N LEU A 138 10.52 11.65 -22.78
CA LEU A 138 11.71 11.42 -21.91
C LEU A 138 12.75 12.52 -22.16
N SER A 139 12.96 12.91 -23.42
CA SER A 139 13.96 13.93 -23.84
C SER A 139 13.57 15.31 -23.31
N GLU A 140 12.26 15.64 -23.36
CA GLU A 140 11.69 16.92 -22.84
C GLU A 140 11.94 17.01 -21.33
N ILE A 141 11.75 15.90 -20.61
CA ILE A 141 11.94 15.81 -19.13
C ILE A 141 13.43 16.00 -18.80
N ARG A 142 14.33 15.42 -19.60
CA ARG A 142 15.80 15.58 -19.44
C ARG A 142 16.15 17.05 -19.66
N HIS A 143 15.59 17.67 -20.70
CA HIS A 143 15.80 19.10 -21.05
C HIS A 143 15.41 19.96 -19.84
N ILE A 144 14.19 19.78 -19.34
CA ILE A 144 13.59 20.59 -18.23
C ILE A 144 14.48 20.53 -16.99
N LEU A 145 15.07 19.37 -16.68
CA LEU A 145 15.79 19.12 -15.40
C LEU A 145 17.29 19.45 -15.55
N GLU A 146 17.88 19.21 -16.72
CA GLU A 146 19.34 19.39 -16.96
C GLU A 146 19.65 20.86 -17.25
N THR A 147 18.81 21.55 -18.02
CA THR A 147 19.01 22.96 -18.46
C THR A 147 18.28 23.92 -17.52
N ARG A 148 17.06 23.56 -17.09
CA ARG A 148 16.11 24.43 -16.35
C ARG A 148 15.70 25.60 -17.27
N TYR A 149 15.59 25.33 -18.57
CA TYR A 149 14.80 26.11 -19.55
C TYR A 149 13.57 25.28 -19.91
N ALA A 150 12.40 25.91 -20.06
CA ALA A 150 11.12 25.25 -20.40
C ALA A 150 11.17 24.73 -21.84
N VAL A 151 10.20 23.89 -22.22
CA VAL A 151 10.09 23.29 -23.58
C VAL A 151 8.94 23.98 -24.32
N PRO A 152 8.98 24.06 -25.66
CA PRO A 152 7.99 24.83 -26.42
C PRO A 152 6.59 24.20 -26.44
N GLY A 153 5.55 25.05 -26.36
CA GLY A 153 4.14 24.69 -26.56
C GLY A 153 3.73 23.45 -25.79
N LYS A 154 4.17 23.33 -24.53
CA LYS A 154 3.79 22.24 -23.59
C LYS A 154 3.48 22.89 -22.23
N SER A 155 2.29 22.63 -21.67
CA SER A 155 1.70 23.36 -20.51
C SER A 155 2.70 23.42 -19.36
N ASP A 156 2.73 24.54 -18.63
CA ASP A 156 3.64 24.77 -17.47
C ASP A 156 3.23 23.82 -16.32
N GLU A 157 1.95 23.43 -16.26
CA GLU A 157 1.42 22.45 -15.27
C GLU A 157 2.20 21.14 -15.39
N GLU A 158 2.26 20.58 -16.61
CA GLU A 158 2.95 19.31 -16.94
C GLU A 158 4.44 19.43 -16.57
N GLN A 159 5.08 20.54 -16.95
CA GLN A 159 6.52 20.80 -16.73
C GLN A 159 6.80 20.95 -15.22
N ASN A 160 5.89 21.59 -14.49
CA ASN A 160 6.02 21.84 -13.03
C ASN A 160 5.74 20.55 -12.24
N GLU A 161 5.03 19.60 -12.82
CA GLU A 161 4.86 18.24 -12.23
C GLU A 161 6.22 17.54 -12.21
N VAL A 162 6.98 17.65 -13.30
CA VAL A 162 8.33 17.06 -13.48
C VAL A 162 9.29 17.69 -12.46
N ILE A 163 9.33 19.02 -12.39
CA ILE A 163 10.22 19.79 -11.47
C ILE A 163 9.93 19.36 -10.04
N GLY A 164 8.65 19.18 -9.68
CA GLY A 164 8.20 18.76 -8.34
C GLY A 164 8.68 17.36 -7.98
N MET A 165 8.58 16.42 -8.93
CA MET A 165 9.06 15.01 -8.76
C MET A 165 10.57 15.03 -8.50
N HIS A 166 11.32 15.76 -9.34
CA HIS A 166 12.79 15.95 -9.23
C HIS A 166 13.13 16.47 -7.83
N ALA A 167 12.44 17.53 -7.38
CA ALA A 167 12.64 18.18 -6.06
C ALA A 167 12.36 17.16 -4.95
N ALA A 168 11.26 16.40 -5.08
CA ALA A 168 10.80 15.40 -4.09
C ALA A 168 11.80 14.25 -3.98
N MET A 169 12.29 13.74 -5.12
CA MET A 169 13.26 12.62 -5.18
C MET A 169 14.59 13.05 -4.53
N LYS A 170 15.11 14.24 -4.89
CA LYS A 170 16.34 14.82 -4.31
C LYS A 170 16.17 14.95 -2.78
N TYR A 171 15.01 15.43 -2.32
CA TYR A 171 14.72 15.60 -0.88
C TYR A 171 14.81 14.26 -0.16
N ILE A 172 14.21 13.22 -0.74
CA ILE A 172 14.20 11.84 -0.17
C ILE A 172 15.63 11.31 -0.13
N ASN A 173 16.34 11.33 -1.27
CA ASN A 173 17.72 10.80 -1.42
C ASN A 173 18.66 11.46 -0.40
N THR A 174 18.59 12.78 -0.21
CA THR A 174 19.54 13.58 0.60
C THR A 174 19.17 13.52 2.09
N THR A 175 17.90 13.69 2.44
CA THR A 175 17.44 13.97 3.82
C THR A 175 16.87 12.72 4.50
N LEU A 176 16.08 11.89 3.78
CA LEU A 176 15.19 10.86 4.39
C LEU A 176 15.82 9.46 4.35
N VAL A 177 16.43 9.05 3.23
CA VAL A 177 16.94 7.66 3.02
C VAL A 177 17.86 7.28 4.18
N SER A 178 18.91 8.06 4.43
CA SER A 178 20.00 7.75 5.40
C SER A 178 19.59 8.12 6.83
N ARG A 179 18.61 9.01 7.00
CA ARG A 179 18.15 9.54 8.32
C ARG A 179 17.69 8.37 9.21
N ILE A 180 18.11 8.39 10.48
CA ILE A 180 17.76 7.38 11.53
C ILE A 180 16.55 7.90 12.31
N GLY A 181 15.70 6.98 12.79
CA GLY A 181 14.49 7.29 13.59
C GLY A 181 13.21 6.98 12.83
N SER A 182 12.09 7.55 13.29
CA SER A 182 10.71 7.25 12.83
C SER A 182 10.36 8.11 11.60
N VAL A 183 9.51 7.58 10.72
CA VAL A 183 8.85 8.34 9.61
C VAL A 183 7.62 9.03 10.20
N THR A 184 7.60 10.37 10.20
CA THR A 184 6.54 11.21 10.79
C THR A 184 5.53 11.60 9.70
N ILE A 185 4.37 12.13 10.09
CA ILE A 185 3.34 12.70 9.16
C ILE A 185 3.98 13.87 8.40
N SER A 186 4.85 14.63 9.07
CA SER A 186 5.52 15.83 8.49
C SER A 186 6.47 15.42 7.35
N ASP A 187 7.10 14.24 7.46
CA ASP A 187 7.96 13.67 6.39
C ASP A 187 7.12 13.46 5.12
N VAL A 188 5.90 12.90 5.28
CA VAL A 188 4.95 12.65 4.15
C VAL A 188 4.55 14.01 3.56
N LEU A 189 4.17 14.95 4.43
CA LEU A 189 3.76 16.33 4.04
C LEU A 189 4.91 17.02 3.30
N GLU A 190 6.15 16.87 3.78
CA GLU A 190 7.37 17.44 3.16
C GLU A 190 7.55 16.91 1.73
N ILE A 191 7.32 15.61 1.51
CA ILE A 191 7.40 14.97 0.16
C ILE A 191 6.28 15.56 -0.72
N HIS A 192 5.06 15.61 -0.21
CA HIS A 192 3.88 16.15 -0.95
C HIS A 192 4.09 17.63 -1.28
N ARG A 193 4.68 18.40 -0.36
CA ARG A 193 4.93 19.86 -0.53
C ARG A 193 5.80 20.06 -1.79
N ARG A 194 6.78 19.20 -2.00
CA ARG A 194 7.70 19.25 -3.17
C ARG A 194 7.01 18.67 -4.40
N VAL A 195 6.32 17.53 -4.27
CA VAL A 195 5.64 16.83 -5.40
C VAL A 195 4.67 17.79 -6.09
N LEU A 196 3.84 18.51 -5.31
CA LEU A 196 2.69 19.30 -5.84
C LEU A 196 2.97 20.82 -5.77
N GLY A 197 3.95 21.27 -4.98
CA GLY A 197 4.24 22.69 -4.73
C GLY A 197 4.28 23.55 -5.99
N TYR A 198 4.97 23.09 -7.04
CA TYR A 198 5.28 23.88 -8.26
C TYR A 198 4.04 23.97 -9.19
N VAL A 199 3.00 23.19 -8.90
CA VAL A 199 1.74 23.15 -9.70
C VAL A 199 0.60 23.81 -8.90
N ASP A 200 0.52 23.52 -7.59
CA ASP A 200 -0.57 23.96 -6.69
C ASP A 200 0.01 24.17 -5.30
N PRO A 201 0.69 25.32 -5.05
CA PRO A 201 1.40 25.54 -3.79
C PRO A 201 0.45 25.81 -2.61
N VAL A 202 -0.81 26.13 -2.87
CA VAL A 202 -1.84 26.35 -1.82
C VAL A 202 -2.14 24.99 -1.16
N GLU A 203 -2.27 23.94 -1.97
CA GLU A 203 -2.74 22.59 -1.53
C GLU A 203 -1.54 21.70 -1.14
N ALA A 204 -0.36 21.95 -1.69
CA ALA A 204 0.87 21.17 -1.42
C ALA A 204 1.16 21.17 0.09
N GLY A 205 1.49 20.01 0.67
CA GLY A 205 1.81 19.83 2.09
C GLY A 205 0.61 19.98 3.01
N ARG A 206 -0.60 19.88 2.47
CA ARG A 206 -1.88 20.11 3.21
C ARG A 206 -2.88 18.99 2.90
N PHE A 207 -3.49 18.41 3.93
CA PHE A 207 -4.58 17.41 3.80
C PHE A 207 -5.80 18.08 3.18
N ARG A 208 -6.57 17.32 2.40
CA ARG A 208 -7.84 17.78 1.79
C ARG A 208 -8.87 17.99 2.92
N THR A 209 -9.89 18.80 2.65
CA THR A 209 -10.99 19.13 3.60
C THR A 209 -12.35 18.88 2.94
N THR A 210 -12.37 18.22 1.76
CA THR A 210 -13.58 17.94 0.95
C THR A 210 -13.73 16.44 0.69
N GLN A 211 -14.97 16.00 0.43
CA GLN A 211 -15.34 14.63 -0.03
C GLN A 211 -14.89 14.45 -1.48
N VAL A 212 -14.25 13.33 -1.82
CA VAL A 212 -13.73 13.04 -3.19
C VAL A 212 -14.08 11.60 -3.60
N LEU A 213 -14.06 11.36 -4.92
CA LEU A 213 -14.15 10.04 -5.60
C LEU A 213 -12.80 9.75 -6.27
N VAL A 214 -12.16 8.62 -5.95
CA VAL A 214 -10.93 8.13 -6.66
C VAL A 214 -11.31 6.87 -7.44
N GLY A 215 -11.64 7.01 -8.73
CA GLY A 215 -12.14 5.92 -9.59
C GLY A 215 -13.31 5.19 -8.94
N HIS A 216 -13.12 3.93 -8.56
CA HIS A 216 -14.14 3.08 -7.88
C HIS A 216 -14.00 3.22 -6.37
N HIS A 217 -12.98 3.93 -5.89
CA HIS A 217 -12.64 4.02 -4.44
C HIS A 217 -13.36 5.21 -3.80
N ILE A 218 -13.92 4.99 -2.60
CA ILE A 218 -14.45 6.03 -1.67
C ILE A 218 -13.45 6.18 -0.52
N PRO A 219 -12.53 7.16 -0.57
CA PRO A 219 -11.60 7.39 0.53
C PRO A 219 -12.36 7.97 1.72
N PRO A 220 -11.78 7.95 2.93
CA PRO A 220 -12.46 8.46 4.13
C PRO A 220 -12.94 9.91 3.99
N HIS A 221 -13.96 10.28 4.76
CA HIS A 221 -14.47 11.66 4.93
C HIS A 221 -13.30 12.53 5.42
N PRO A 222 -13.12 13.77 4.89
CA PRO A 222 -11.99 14.62 5.29
C PRO A 222 -11.82 14.74 6.80
N GLN A 223 -12.93 14.70 7.56
CA GLN A 223 -12.97 14.78 9.04
C GLN A 223 -12.15 13.64 9.67
N ASP A 224 -11.97 12.52 8.97
CA ASP A 224 -11.32 11.29 9.49
C ASP A 224 -9.91 11.10 8.90
N VAL A 225 -9.51 11.92 7.92
CA VAL A 225 -8.20 11.79 7.20
C VAL A 225 -7.05 11.84 8.21
N GLU A 226 -7.05 12.80 9.14
CA GLU A 226 -5.91 13.01 10.08
C GLU A 226 -5.76 11.80 10.99
N LYS A 227 -6.87 11.29 11.54
CA LYS A 227 -6.90 10.12 12.46
C LYS A 227 -6.24 8.92 11.76
N GLN A 228 -6.65 8.63 10.52
CA GLN A 228 -6.19 7.46 9.74
C GLN A 228 -4.72 7.65 9.36
N MET A 229 -4.28 8.89 9.12
CA MET A 229 -2.86 9.21 8.80
C MET A 229 -1.98 9.00 10.04
N GLN A 230 -2.53 9.18 11.24
CA GLN A 230 -1.81 8.94 12.52
C GLN A 230 -1.65 7.42 12.72
N GLU A 231 -2.72 6.66 12.50
CA GLU A 231 -2.72 5.17 12.58
C GLU A 231 -1.76 4.60 11.53
N PHE A 232 -1.75 5.18 10.32
CA PHE A 232 -0.86 4.79 9.19
C PHE A 232 0.61 4.89 9.60
N VAL A 233 1.04 6.04 10.13
CA VAL A 233 2.47 6.30 10.45
C VAL A 233 2.86 5.49 11.69
N GLN A 234 1.90 5.14 12.55
CA GLN A 234 2.12 4.20 13.68
C GLN A 234 2.49 2.84 13.10
N TRP A 235 1.71 2.34 12.13
CA TRP A 235 1.95 1.05 11.44
C TRP A 235 3.31 1.08 10.74
N LEU A 236 3.63 2.18 10.03
CA LEU A 236 4.92 2.37 9.30
C LEU A 236 6.10 2.11 10.22
N ASN A 237 6.02 2.55 11.48
CA ASN A 237 7.13 2.49 12.46
C ASN A 237 6.93 1.30 13.41
N SER A 238 5.88 0.51 13.22
CA SER A 238 5.53 -0.66 14.07
C SER A 238 6.55 -1.78 13.84
N GLU A 239 6.74 -2.62 14.86
CA GLU A 239 7.68 -3.78 14.85
C GLU A 239 7.22 -4.79 13.78
N GLU A 240 5.90 -5.00 13.68
CA GLU A 240 5.25 -5.91 12.68
C GLU A 240 5.74 -5.56 11.27
N ALA A 241 5.67 -4.28 10.89
CA ALA A 241 5.99 -3.76 9.54
C ALA A 241 7.48 -3.97 9.21
N MET A 242 8.37 -3.86 10.21
CA MET A 242 9.84 -3.95 10.00
C MET A 242 10.22 -5.42 9.78
N ASN A 243 9.36 -6.36 10.20
CA ASN A 243 9.56 -7.82 10.06
C ASN A 243 9.05 -8.30 8.68
N LEU A 244 8.18 -7.53 8.01
CA LEU A 244 7.69 -7.85 6.64
C LEU A 244 8.87 -7.80 5.67
N HIS A 245 8.79 -8.55 4.57
CA HIS A 245 9.72 -8.44 3.42
C HIS A 245 9.62 -7.02 2.86
N PRO A 246 10.76 -6.35 2.56
CA PRO A 246 10.75 -4.96 2.08
C PRO A 246 9.73 -4.64 0.99
N VAL A 247 9.58 -5.54 0.00
CA VAL A 247 8.68 -5.37 -1.17
C VAL A 247 7.22 -5.38 -0.69
N GLU A 248 6.88 -6.26 0.25
CA GLU A 248 5.55 -6.34 0.88
C GLU A 248 5.28 -5.04 1.66
N PHE A 249 6.23 -4.66 2.53
CA PHE A 249 6.16 -3.44 3.38
C PHE A 249 5.94 -2.22 2.49
N ALA A 250 6.79 -2.05 1.48
CA ALA A 250 6.75 -0.95 0.49
C ALA A 250 5.41 -0.95 -0.25
N ALA A 251 4.93 -2.14 -0.66
CA ALA A 251 3.65 -2.32 -1.38
C ALA A 251 2.48 -1.90 -0.50
N LEU A 252 2.45 -2.36 0.77
CA LEU A 252 1.36 -2.06 1.73
C LEU A 252 1.37 -0.57 2.09
N ALA A 253 2.56 0.01 2.30
CA ALA A 253 2.73 1.48 2.55
C ALA A 253 2.05 2.25 1.42
N HIS A 254 2.45 1.97 0.17
CA HIS A 254 1.87 2.57 -1.06
C HIS A 254 0.33 2.43 -1.02
N TYR A 255 -0.19 1.22 -0.86
CA TYR A 255 -1.65 0.96 -0.95
C TYR A 255 -2.38 1.73 0.16
N LYS A 256 -1.88 1.64 1.40
CA LYS A 256 -2.52 2.25 2.60
C LYS A 256 -2.66 3.76 2.40
N LEU A 257 -1.66 4.41 1.81
CA LEU A 257 -1.65 5.88 1.65
C LEU A 257 -2.67 6.29 0.58
N VAL A 258 -2.70 5.61 -0.59
CA VAL A 258 -3.67 5.92 -1.68
C VAL A 258 -5.09 5.54 -1.24
N TYR A 259 -5.24 4.59 -0.33
CA TYR A 259 -6.57 4.22 0.24
C TYR A 259 -7.10 5.43 1.01
N ILE A 260 -6.30 5.98 1.93
CA ILE A 260 -6.62 7.19 2.74
C ILE A 260 -6.83 8.38 1.79
N HIS A 261 -6.00 8.49 0.75
CA HIS A 261 -6.07 9.59 -0.26
C HIS A 261 -6.13 10.93 0.48
N PRO A 262 -5.11 11.25 1.32
CA PRO A 262 -5.20 12.38 2.25
C PRO A 262 -5.09 13.78 1.61
N PHE A 263 -4.49 13.87 0.41
CA PHE A 263 -4.33 15.12 -0.37
C PHE A 263 -5.43 15.20 -1.43
N ILE A 264 -5.65 16.39 -1.99
CA ILE A 264 -6.63 16.65 -3.09
C ILE A 264 -6.01 16.20 -4.41
N ASP A 265 -4.68 16.12 -4.50
CA ASP A 265 -3.96 15.68 -5.72
C ASP A 265 -2.55 15.22 -5.33
N GLY A 266 -1.87 14.48 -6.22
CA GLY A 266 -0.50 13.98 -6.03
C GLY A 266 -0.41 12.85 -5.02
N ASN A 267 -1.53 12.15 -4.75
CA ASN A 267 -1.60 11.00 -3.81
C ASN A 267 -0.81 9.81 -4.37
N GLY A 268 -0.96 9.53 -5.66
CA GLY A 268 -0.23 8.45 -6.36
C GLY A 268 1.26 8.69 -6.32
N ARG A 269 1.70 9.85 -6.80
CA ARG A 269 3.15 10.22 -6.86
C ARG A 269 3.76 10.12 -5.46
N THR A 270 3.10 10.65 -4.43
CA THR A 270 3.60 10.65 -3.02
C THR A 270 3.71 9.20 -2.53
N SER A 271 2.68 8.38 -2.77
CA SER A 271 2.63 6.96 -2.34
C SER A 271 3.76 6.17 -2.99
N ARG A 272 4.03 6.42 -4.28
CA ARG A 272 5.11 5.73 -5.05
C ARG A 272 6.48 6.20 -4.55
N LEU A 273 6.61 7.46 -4.13
CA LEU A 273 7.86 8.00 -3.55
C LEU A 273 8.09 7.37 -2.17
N LEU A 274 7.03 7.28 -1.35
CA LEU A 274 7.10 6.64 -0.01
C LEU A 274 7.46 5.16 -0.17
N MET A 275 6.91 4.51 -1.20
CA MET A 275 7.20 3.10 -1.56
C MET A 275 8.71 2.97 -1.81
N ASN A 276 9.29 3.88 -2.59
CA ASN A 276 10.72 3.83 -3.02
C ASN A 276 11.65 4.27 -1.89
N LEU A 277 11.17 5.11 -0.95
CA LEU A 277 11.94 5.47 0.27
C LEU A 277 12.19 4.20 1.09
N ILE A 278 11.13 3.43 1.34
CA ILE A 278 11.15 2.18 2.15
C ILE A 278 12.08 1.16 1.48
N LEU A 279 12.00 1.00 0.16
CA LEU A 279 12.83 0.03 -0.60
C LEU A 279 14.31 0.43 -0.49
N MET A 280 14.62 1.72 -0.74
CA MET A 280 15.98 2.29 -0.65
C MET A 280 16.55 2.12 0.77
N GLN A 281 15.72 2.37 1.80
CA GLN A 281 16.11 2.21 3.23
C GLN A 281 16.43 0.74 3.53
N ALA A 282 15.86 -0.19 2.76
CA ALA A 282 16.10 -1.65 2.86
C ALA A 282 17.18 -2.10 1.87
N GLY A 283 17.79 -1.16 1.15
CA GLY A 283 18.95 -1.42 0.28
C GLY A 283 18.57 -1.85 -1.13
N TYR A 284 17.27 -1.82 -1.48
CA TYR A 284 16.78 -2.07 -2.86
C TYR A 284 16.94 -0.78 -3.64
N PRO A 285 17.05 -0.80 -4.99
CA PRO A 285 17.01 0.42 -5.78
C PRO A 285 15.57 0.90 -5.94
N PRO A 286 15.34 2.15 -6.37
CA PRO A 286 13.98 2.63 -6.61
C PRO A 286 13.41 1.87 -7.82
N ILE A 287 12.13 1.50 -7.75
CA ILE A 287 11.44 0.72 -8.82
C ILE A 287 10.46 1.66 -9.54
N THR A 288 10.06 1.27 -10.75
CA THR A 288 9.14 2.04 -11.63
C THR A 288 7.87 1.21 -11.86
N ILE A 289 6.71 1.87 -11.81
CA ILE A 289 5.42 1.36 -12.37
C ILE A 289 5.24 2.06 -13.72
N ARG A 290 5.45 1.32 -14.82
CA ARG A 290 5.46 1.89 -16.19
C ARG A 290 4.07 2.42 -16.55
N LYS A 291 4.02 3.42 -17.43
CA LYS A 291 2.79 4.03 -18.00
C LYS A 291 1.87 2.95 -18.56
N GLU A 292 2.46 1.95 -19.22
CA GLU A 292 1.74 0.85 -19.95
C GLU A 292 0.95 0.00 -18.94
N GLN A 293 1.37 -0.04 -17.67
CA GLN A 293 0.78 -0.90 -16.60
C GLN A 293 -0.37 -0.21 -15.88
N ARG A 294 -0.84 0.94 -16.37
CA ARG A 294 -1.89 1.77 -15.70
C ARG A 294 -3.10 0.88 -15.39
N SER A 295 -3.60 0.16 -16.40
CA SER A 295 -4.80 -0.70 -16.33
C SER A 295 -4.62 -1.77 -15.25
N ASP A 296 -3.50 -2.50 -15.28
CA ASP A 296 -3.15 -3.56 -14.29
C ASP A 296 -3.11 -2.93 -12.88
N TYR A 297 -2.41 -1.80 -12.75
CA TYR A 297 -2.22 -1.02 -11.49
C TYR A 297 -3.58 -0.70 -10.87
N TYR A 298 -4.51 -0.16 -11.66
CA TYR A 298 -5.87 0.22 -11.17
C TYR A 298 -6.65 -1.04 -10.78
N HIS A 299 -6.52 -2.11 -11.57
CA HIS A 299 -7.21 -3.41 -11.33
C HIS A 299 -6.80 -3.99 -9.97
N VAL A 300 -5.50 -3.99 -9.65
CA VAL A 300 -4.97 -4.59 -8.38
C VAL A 300 -5.28 -3.69 -7.19
N LEU A 301 -5.38 -2.36 -7.40
CA LEU A 301 -5.82 -1.39 -6.34
C LEU A 301 -7.30 -1.62 -6.02
N GLU A 302 -8.13 -1.82 -7.05
CA GLU A 302 -9.58 -2.12 -6.90
C GLU A 302 -9.75 -3.44 -6.13
N ALA A 303 -8.95 -4.47 -6.46
CA ALA A 303 -8.98 -5.79 -5.78
C ALA A 303 -8.60 -5.63 -4.31
N ALA A 304 -7.64 -4.74 -4.00
CA ALA A 304 -7.20 -4.41 -2.62
C ALA A 304 -8.34 -3.72 -1.85
N ASN A 305 -8.99 -2.75 -2.48
CA ASN A 305 -10.16 -2.03 -1.90
C ASN A 305 -11.25 -3.03 -1.50
N GLU A 306 -11.43 -4.11 -2.29
CA GLU A 306 -12.55 -5.07 -2.11
C GLU A 306 -12.09 -6.30 -1.30
N GLY A 307 -10.90 -6.28 -0.71
CA GLY A 307 -10.56 -7.13 0.45
C GLY A 307 -9.43 -8.13 0.19
N ASP A 308 -8.70 -8.03 -0.92
CA ASP A 308 -7.47 -8.86 -1.15
C ASP A 308 -6.34 -7.98 -1.68
N VAL A 309 -5.32 -7.77 -0.86
CA VAL A 309 -4.17 -6.86 -1.16
C VAL A 309 -3.03 -7.64 -1.84
N ARG A 310 -3.12 -8.98 -1.89
CA ARG A 310 -2.02 -9.85 -2.41
C ARG A 310 -1.78 -9.59 -3.89
N PRO A 311 -2.81 -9.43 -4.75
CA PRO A 311 -2.57 -9.07 -6.16
C PRO A 311 -1.75 -7.78 -6.32
N PHE A 312 -1.95 -6.80 -5.43
CA PHE A 312 -1.20 -5.52 -5.43
C PHE A 312 0.27 -5.80 -5.05
N ILE A 313 0.50 -6.59 -4.00
CA ILE A 313 1.87 -6.98 -3.54
C ILE A 313 2.59 -7.69 -4.70
N ARG A 314 1.92 -8.64 -5.36
CA ARG A 314 2.50 -9.39 -6.52
C ARG A 314 2.84 -8.41 -7.63
N PHE A 315 1.95 -7.47 -7.92
CA PHE A 315 2.14 -6.44 -8.98
C PHE A 315 3.38 -5.60 -8.67
N ILE A 316 3.56 -5.18 -7.41
CA ILE A 316 4.75 -4.39 -6.97
C ILE A 316 6.00 -5.29 -7.06
N ALA A 317 5.90 -6.54 -6.60
CA ALA A 317 6.95 -7.57 -6.75
C ALA A 317 7.37 -7.68 -8.22
N LYS A 318 6.40 -7.84 -9.13
CA LYS A 318 6.65 -7.91 -10.59
C LYS A 318 7.45 -6.68 -11.01
N CYS A 319 6.98 -5.48 -10.66
CA CYS A 319 7.59 -4.17 -11.04
C CYS A 319 9.04 -4.08 -10.53
N THR A 320 9.29 -4.56 -9.31
CA THR A 320 10.64 -4.61 -8.68
C THR A 320 11.58 -5.48 -9.51
N GLU A 321 11.13 -6.68 -9.90
CA GLU A 321 11.95 -7.64 -10.70
C GLU A 321 12.32 -6.99 -12.04
N THR A 322 11.36 -6.34 -12.71
CA THR A 322 11.56 -5.68 -14.02
C THR A 322 12.68 -4.62 -13.88
N THR A 323 12.68 -3.86 -12.79
CA THR A 323 13.68 -2.80 -12.50
C THR A 323 15.05 -3.45 -12.30
N LEU A 324 15.14 -4.46 -11.44
CA LEU A 324 16.41 -5.18 -11.13
C LEU A 324 16.96 -5.82 -12.41
N ASP A 325 16.10 -6.46 -13.22
CA ASP A 325 16.47 -7.07 -14.52
C ASP A 325 17.07 -6.01 -15.45
N THR A 326 16.55 -4.78 -15.43
CA THR A 326 17.02 -3.66 -16.28
C THR A 326 18.41 -3.21 -15.83
N LEU A 327 18.63 -3.05 -14.52
CA LEU A 327 19.96 -2.70 -13.94
C LEU A 327 20.96 -3.80 -14.30
N LEU A 328 20.60 -5.07 -14.04
CA LEU A 328 21.47 -6.25 -14.27
C LEU A 328 21.75 -6.41 -15.78
N PHE A 329 20.75 -6.26 -16.65
CA PHE A 329 20.89 -6.42 -18.13
C PHE A 329 21.91 -5.40 -18.68
N ALA A 330 22.01 -4.22 -18.07
CA ALA A 330 22.97 -3.17 -18.47
C ALA A 330 24.36 -3.49 -17.88
N THR A 331 24.80 -4.74 -18.03
CA THR A 331 26.23 -5.19 -18.04
C THR A 331 26.72 -5.19 -19.50
N THR A 332 25.83 -4.86 -20.45
CA THR A 332 26.14 -4.66 -21.89
C THR A 332 27.08 -3.46 -22.06
N GLU A 333 27.05 -2.52 -21.12
CA GLU A 333 28.00 -1.38 -21.01
C GLU A 333 29.39 -1.93 -20.68
N TYR A 334 29.46 -2.89 -19.74
CA TYR A 334 30.69 -3.57 -19.26
C TYR A 334 30.94 -4.84 -20.09
PG ANP B . -0.88 9.25 -10.45
O1G ANP B . -1.53 8.43 -11.54
O2G ANP B . 0.42 9.79 -10.97
O3G ANP B . -0.54 8.27 -9.36
PB ANP B . -1.64 11.56 -8.75
O1B ANP B . -2.11 12.92 -9.21
O2B ANP B . -0.28 11.46 -8.08
N3B ANP B . -1.88 10.45 -9.93
PA ANP B . -4.22 11.52 -7.37
O1A ANP B . -4.69 12.21 -8.60
O2A ANP B . -4.34 12.21 -6.05
O3A ANP B . -2.68 11.14 -7.60
O5' ANP B . -4.92 10.07 -7.26
C5' ANP B . -4.76 9.09 -8.33
C4' ANP B . -4.05 7.87 -7.80
O4' ANP B . -4.90 7.18 -6.85
C3' ANP B . -3.71 6.77 -8.81
O3' ANP B . -2.54 7.05 -9.58
C2' ANP B . -3.48 5.59 -7.87
O2' ANP B . -2.20 5.60 -7.26
C1' ANP B . -4.59 5.81 -6.83
N9 ANP B . -5.79 5.02 -7.12
C8 ANP B . -6.39 4.82 -8.35
N7 ANP B . -7.44 4.03 -8.27
C5 ANP B . -7.51 3.68 -6.94
C6 ANP B . -8.40 2.85 -6.21
N6 ANP B . -9.42 2.21 -6.76
N1 ANP B . -8.19 2.71 -4.88
C2 ANP B . -7.15 3.36 -4.33
N3 ANP B . -6.25 4.16 -4.90
C4 ANP B . -6.49 4.28 -6.22
MG MG C . -3.94 13.63 -9.91
#